data_5KHW
#
_entry.id   5KHW
#
_cell.length_a   45.631
_cell.length_b   146.620
_cell.length_c   49.936
_cell.angle_alpha   90.00
_cell.angle_beta   116.74
_cell.angle_gamma   90.00
#
_symmetry.space_group_name_H-M   'P 1 21 1'
#
loop_
_entity.id
_entity.type
_entity.pdbx_description
1 polymer 'Tyrosine-protein kinase JAK1'
2 non-polymer "ADENOSINE-5'-DIPHOSPHATE"
3 non-polymer 'MAGNESIUM ION'
4 water water
#
_entity_poly.entity_id   1
_entity_poly.type   'polypeptide(L)'
_entity_poly.pdbx_seq_one_letter_code
;GSIMRDINKLEEQNPDIVSEKKPATEVDPTHFEKRFLKRIRDLGEGHFGKVELCRYDPEGDNTGEQVAVKSLKPESGGNH
IADLKKEIEILRNLYHENIVKYKGICTEDGGNGIKLIMEFLPSGSLKEYLPKNKNKINLKQQLKYAVQICKGMDYLGSRQ
YVHRDLAARNVLVESEHQVKIGDFGLTKAIETDKE(PTR)(PTR)TVKDDRDSPVFWYAPECLMQSKFYIASDVWSFGVT
LHELLTYCDSDSSPMALFLKMIGPTHGQMTVTRLVNTLKEGKRLPCPPNCPDEVYQLMRKCWEFQPSNRTSFQNLIEGFE
ALLK
;
_entity_poly.pdbx_strand_id   A,B
#
# COMPACT_ATOMS: atom_id res chain seq x y z
N PRO A 29 -15.17 -8.37 15.33
CA PRO A 29 -14.94 -7.83 13.97
C PRO A 29 -14.62 -8.89 12.93
N THR A 30 -13.71 -9.86 13.25
CA THR A 30 -13.26 -10.92 12.33
C THR A 30 -14.00 -12.26 12.52
N HIS A 31 -14.68 -12.45 13.65
CA HIS A 31 -15.42 -13.70 13.83
C HIS A 31 -16.90 -13.50 13.56
N PHE A 32 -17.37 -14.17 12.50
CA PHE A 32 -18.76 -14.09 12.04
C PHE A 32 -19.56 -15.32 12.46
N GLU A 33 -20.66 -15.10 13.15
CA GLU A 33 -21.56 -16.16 13.59
C GLU A 33 -22.42 -16.60 12.39
N LYS A 34 -22.39 -17.91 12.08
CA LYS A 34 -23.13 -18.54 10.97
C LYS A 34 -24.62 -18.18 10.93
N ARG A 35 -25.29 -18.13 12.10
CA ARG A 35 -26.71 -17.81 12.26
C ARG A 35 -27.10 -16.38 11.88
N PHE A 36 -26.09 -15.49 11.72
CA PHE A 36 -26.33 -14.07 11.39
C PHE A 36 -25.96 -13.74 9.96
N LEU A 37 -25.47 -14.73 9.19
CA LEU A 37 -25.13 -14.54 7.78
C LEU A 37 -26.33 -14.92 6.96
N LYS A 38 -27.14 -13.92 6.60
CA LYS A 38 -28.38 -14.11 5.86
C LYS A 38 -28.11 -14.03 4.36
N ARG A 39 -28.21 -15.20 3.66
CA ARG A 39 -27.96 -15.32 2.22
C ARG A 39 -28.95 -14.49 1.40
N ILE A 40 -28.43 -13.74 0.41
CA ILE A 40 -29.22 -12.89 -0.48
C ILE A 40 -29.28 -13.60 -1.82
N ARG A 41 -28.11 -13.77 -2.46
CA ARG A 41 -27.98 -14.45 -3.74
C ARG A 41 -26.56 -14.97 -3.93
N ASP A 42 -26.31 -15.67 -5.06
CA ASP A 42 -25.02 -16.20 -5.46
C ASP A 42 -24.30 -15.18 -6.33
N LEU A 43 -22.98 -15.08 -6.14
CA LEU A 43 -22.10 -14.18 -6.89
C LEU A 43 -21.23 -14.99 -7.84
N GLY A 44 -20.80 -16.17 -7.38
CA GLY A 44 -19.93 -17.09 -8.09
C GLY A 44 -20.15 -18.51 -7.66
N GLU A 45 -20.14 -19.44 -8.60
CA GLU A 45 -20.35 -20.86 -8.30
C GLU A 45 -19.46 -21.70 -9.21
N GLY A 46 -18.69 -22.58 -8.59
CA GLY A 46 -17.75 -23.48 -9.24
C GLY A 46 -18.05 -24.93 -8.89
N HIS A 47 -17.25 -25.86 -9.40
CA HIS A 47 -17.46 -27.29 -9.17
C HIS A 47 -17.23 -27.74 -7.71
N PHE A 48 -16.35 -27.04 -6.98
CA PHE A 48 -15.97 -27.42 -5.61
C PHE A 48 -16.39 -26.41 -4.50
N GLY A 49 -16.95 -25.26 -4.89
CA GLY A 49 -17.38 -24.25 -3.94
C GLY A 49 -18.12 -23.09 -4.54
N LYS A 50 -18.49 -22.12 -3.71
CA LYS A 50 -19.22 -20.95 -4.17
C LYS A 50 -18.94 -19.67 -3.37
N VAL A 51 -19.33 -18.53 -3.96
CA VAL A 51 -19.23 -17.18 -3.40
C VAL A 51 -20.66 -16.62 -3.38
N GLU A 52 -21.11 -16.20 -2.19
CA GLU A 52 -22.47 -15.70 -2.02
C GLU A 52 -22.49 -14.32 -1.42
N LEU A 53 -23.58 -13.59 -1.66
CA LEU A 53 -23.87 -12.29 -1.07
C LEU A 53 -24.72 -12.57 0.16
N CYS A 54 -24.28 -12.06 1.32
CA CYS A 54 -24.93 -12.21 2.62
C CYS A 54 -25.01 -10.86 3.32
N ARG A 55 -25.87 -10.78 4.31
CA ARG A 55 -25.97 -9.63 5.18
C ARG A 55 -25.66 -10.20 6.53
N TYR A 56 -24.59 -9.72 7.15
CA TYR A 56 -24.28 -10.15 8.50
C TYR A 56 -25.14 -9.27 9.38
N ASP A 57 -26.22 -9.85 9.92
CA ASP A 57 -27.21 -9.11 10.68
C ASP A 57 -27.43 -9.64 12.14
N PRO A 58 -26.51 -9.33 13.09
CA PRO A 58 -26.70 -9.80 14.48
C PRO A 58 -27.75 -9.03 15.27
N GLU A 59 -28.22 -7.89 14.74
CA GLU A 59 -29.26 -7.07 15.39
C GLU A 59 -30.66 -7.44 14.91
N GLY A 60 -30.73 -8.08 13.72
CA GLY A 60 -31.97 -8.51 13.10
C GLY A 60 -32.81 -7.41 12.47
N ASP A 61 -32.35 -6.14 12.55
CA ASP A 61 -33.05 -4.96 12.04
C ASP A 61 -32.86 -4.74 10.53
N ASN A 62 -32.10 -5.63 9.85
CA ASN A 62 -31.76 -5.60 8.43
C ASN A 62 -30.84 -4.41 8.10
N THR A 63 -30.06 -3.96 9.10
CA THR A 63 -29.13 -2.84 8.98
C THR A 63 -27.67 -3.28 8.88
N GLY A 64 -27.44 -4.59 8.93
CA GLY A 64 -26.10 -5.16 8.84
C GLY A 64 -25.46 -4.93 7.49
N GLU A 65 -24.13 -4.99 7.44
CA GLU A 65 -23.42 -4.79 6.20
C GLU A 65 -23.48 -6.01 5.32
N GLN A 66 -23.48 -5.77 3.99
CA GLN A 66 -23.48 -6.84 2.98
C GLN A 66 -22.06 -7.33 2.86
N VAL A 67 -21.87 -8.63 2.80
CA VAL A 67 -20.54 -9.24 2.68
C VAL A 67 -20.53 -10.27 1.53
N ALA A 68 -19.33 -10.69 1.11
CA ALA A 68 -19.14 -11.73 0.11
C ALA A 68 -18.55 -12.90 0.90
N VAL A 69 -19.27 -14.02 0.88
CA VAL A 69 -18.90 -15.21 1.63
C VAL A 69 -18.45 -16.33 0.68
N LYS A 70 -17.19 -16.81 0.86
CA LYS A 70 -16.61 -17.89 0.07
C LYS A 70 -16.60 -19.21 0.86
N SER A 71 -17.23 -20.23 0.29
CA SER A 71 -17.40 -21.54 0.93
C SER A 71 -17.11 -22.74 -0.02
N LEU A 72 -17.22 -23.98 0.51
CA LEU A 72 -17.01 -25.21 -0.25
C LEU A 72 -18.27 -26.03 -0.43
N LYS A 73 -18.19 -27.03 -1.34
CA LYS A 73 -19.15 -28.05 -1.81
C LYS A 73 -19.97 -27.56 -3.04
N HIS A 80 -9.24 -29.41 -1.04
CA HIS A 80 -10.08 -28.23 -1.18
C HIS A 80 -10.29 -27.54 0.17
N ILE A 81 -10.43 -28.34 1.24
CA ILE A 81 -10.62 -27.83 2.60
C ILE A 81 -9.35 -27.11 3.10
N ALA A 82 -8.18 -27.75 2.92
CA ALA A 82 -6.88 -27.20 3.29
C ALA A 82 -6.50 -26.05 2.37
N ASP A 83 -6.98 -26.10 1.09
CA ASP A 83 -6.74 -25.05 0.09
C ASP A 83 -7.43 -23.74 0.45
N LEU A 84 -8.69 -23.78 0.95
CA LEU A 84 -9.42 -22.57 1.36
C LEU A 84 -8.77 -21.91 2.59
N LYS A 85 -8.27 -22.73 3.52
CA LYS A 85 -7.61 -22.29 4.74
C LYS A 85 -6.31 -21.55 4.43
N LYS A 86 -5.56 -22.04 3.41
CA LYS A 86 -4.31 -21.44 2.90
C LYS A 86 -4.67 -20.08 2.30
N GLU A 87 -5.77 -20.04 1.53
CA GLU A 87 -6.29 -18.84 0.86
C GLU A 87 -6.72 -17.78 1.91
N ILE A 88 -7.35 -18.26 3.00
CA ILE A 88 -7.80 -17.44 4.12
C ILE A 88 -6.58 -16.82 4.82
N GLU A 89 -5.57 -17.66 5.13
CA GLU A 89 -4.30 -17.32 5.76
C GLU A 89 -3.59 -16.18 5.03
N ILE A 90 -3.40 -16.30 3.70
CA ILE A 90 -2.78 -15.29 2.81
C ILE A 90 -3.59 -13.97 2.84
N LEU A 91 -4.88 -14.01 2.44
CA LEU A 91 -5.76 -12.83 2.39
C LEU A 91 -5.82 -12.07 3.71
N ARG A 92 -5.84 -12.80 4.84
CA ARG A 92 -5.84 -12.28 6.22
C ARG A 92 -4.60 -11.38 6.47
N ASN A 93 -3.46 -11.73 5.87
CA ASN A 93 -2.19 -11.01 5.99
C ASN A 93 -1.93 -9.95 4.91
N LEU A 94 -2.92 -9.70 4.02
CA LEU A 94 -2.77 -8.66 2.99
C LEU A 94 -3.69 -7.49 3.28
N TYR A 95 -3.14 -6.27 3.22
CA TYR A 95 -3.89 -5.03 3.43
C TYR A 95 -3.41 -3.98 2.43
N HIS A 96 -4.20 -3.76 1.38
CA HIS A 96 -3.92 -2.80 0.32
C HIS A 96 -5.17 -2.31 -0.34
N GLU A 97 -5.12 -1.06 -0.79
CA GLU A 97 -6.16 -0.31 -1.50
C GLU A 97 -6.74 -1.11 -2.69
N ASN A 98 -5.87 -1.84 -3.40
CA ASN A 98 -6.27 -2.58 -4.61
C ASN A 98 -6.28 -4.14 -4.41
N ILE A 99 -6.42 -4.59 -3.16
CA ILE A 99 -6.55 -6.02 -2.80
C ILE A 99 -7.88 -6.09 -2.07
N VAL A 100 -8.74 -7.04 -2.45
CA VAL A 100 -10.08 -7.24 -1.84
C VAL A 100 -9.94 -7.33 -0.27
N LYS A 101 -10.70 -6.50 0.47
CA LYS A 101 -10.66 -6.44 1.94
C LYS A 101 -11.17 -7.70 2.62
N TYR A 102 -10.31 -8.32 3.42
CA TYR A 102 -10.59 -9.45 4.28
C TYR A 102 -11.44 -8.94 5.46
N LYS A 103 -12.59 -9.59 5.71
CA LYS A 103 -13.45 -9.20 6.82
C LYS A 103 -13.27 -10.14 8.02
N GLY A 104 -13.20 -11.44 7.74
CA GLY A 104 -13.02 -12.48 8.75
C GLY A 104 -13.36 -13.89 8.30
N ILE A 105 -13.73 -14.74 9.27
CA ILE A 105 -14.05 -16.15 9.01
C ILE A 105 -15.34 -16.59 9.67
N CYS A 106 -15.83 -17.73 9.21
CA CYS A 106 -16.99 -18.32 9.80
C CYS A 106 -16.72 -19.80 9.93
N THR A 107 -16.63 -20.28 11.16
CA THR A 107 -16.30 -21.66 11.49
C THR A 107 -17.53 -22.54 11.65
N GLU A 108 -17.39 -23.86 11.39
CA GLU A 108 -18.48 -24.83 11.53
C GLU A 108 -18.58 -25.32 12.98
N ASN A 112 -15.37 -28.57 11.30
CA ASN A 112 -14.05 -28.39 10.65
C ASN A 112 -14.05 -27.41 9.48
N GLY A 113 -15.21 -27.28 8.83
CA GLY A 113 -15.43 -26.38 7.70
C GLY A 113 -15.27 -24.91 8.07
N ILE A 114 -14.84 -24.11 7.09
CA ILE A 114 -14.59 -22.69 7.26
C ILE A 114 -15.11 -21.86 6.07
N LYS A 115 -15.55 -20.64 6.36
CA LYS A 115 -16.05 -19.72 5.36
C LYS A 115 -15.20 -18.47 5.41
N LEU A 116 -14.81 -17.94 4.23
CA LEU A 116 -14.07 -16.71 4.09
C LEU A 116 -15.05 -15.56 3.88
N ILE A 117 -14.95 -14.55 4.75
CA ILE A 117 -15.78 -13.35 4.70
C ILE A 117 -14.88 -12.26 4.18
N MET A 118 -15.35 -11.53 3.20
CA MET A 118 -14.60 -10.42 2.60
C MET A 118 -15.56 -9.30 2.18
N GLU A 119 -15.04 -8.16 1.73
CA GLU A 119 -15.91 -7.07 1.28
C GLU A 119 -16.61 -7.44 0.00
N PHE A 120 -17.87 -7.05 -0.13
CA PHE A 120 -18.68 -7.29 -1.31
C PHE A 120 -18.45 -6.10 -2.23
N LEU A 121 -18.00 -6.39 -3.47
CA LEU A 121 -17.78 -5.39 -4.52
C LEU A 121 -18.92 -5.57 -5.51
N PRO A 122 -19.99 -4.74 -5.35
CA PRO A 122 -21.24 -4.96 -6.11
C PRO A 122 -21.15 -5.12 -7.63
N SER A 123 -20.23 -4.42 -8.28
CA SER A 123 -20.12 -4.52 -9.74
C SER A 123 -19.47 -5.85 -10.21
N GLY A 124 -19.04 -6.67 -9.25
CA GLY A 124 -18.39 -7.96 -9.46
C GLY A 124 -17.07 -7.90 -10.21
N SER A 125 -16.71 -9.02 -10.89
CA SER A 125 -15.48 -9.10 -11.65
C SER A 125 -15.51 -8.31 -12.94
N LEU A 126 -14.30 -8.03 -13.52
CA LEU A 126 -14.15 -7.33 -14.80
C LEU A 126 -14.74 -8.18 -15.92
N LYS A 127 -14.69 -9.53 -15.80
CA LYS A 127 -15.25 -10.49 -16.75
C LYS A 127 -16.79 -10.35 -16.86
N GLU A 128 -17.44 -9.86 -15.79
CA GLU A 128 -18.88 -9.61 -15.69
C GLU A 128 -19.24 -8.18 -16.09
N TYR A 129 -18.42 -7.23 -15.62
CA TYR A 129 -18.59 -5.79 -15.78
C TYR A 129 -18.34 -5.25 -17.20
N LEU A 130 -17.18 -5.59 -17.81
CA LEU A 130 -16.79 -5.09 -19.12
C LEU A 130 -17.80 -5.42 -20.23
N PRO A 131 -18.31 -6.67 -20.41
CA PRO A 131 -19.33 -6.92 -21.46
C PRO A 131 -20.62 -6.11 -21.28
N LYS A 132 -20.97 -5.76 -20.03
CA LYS A 132 -22.18 -4.98 -19.70
C LYS A 132 -21.95 -3.47 -19.79
N ASN A 133 -20.67 -3.05 -19.85
CA ASN A 133 -20.34 -1.62 -19.87
C ASN A 133 -19.38 -1.24 -21.00
N LYS A 134 -19.46 -1.93 -22.16
CA LYS A 134 -18.60 -1.66 -23.33
C LYS A 134 -18.69 -0.21 -23.79
N ASN A 135 -19.93 0.33 -23.87
CA ASN A 135 -20.25 1.69 -24.31
C ASN A 135 -19.87 2.75 -23.27
N LYS A 136 -19.79 2.37 -21.99
CA LYS A 136 -19.53 3.23 -20.84
C LYS A 136 -18.04 3.42 -20.52
N ILE A 137 -17.19 2.40 -20.80
CA ILE A 137 -15.75 2.39 -20.47
C ILE A 137 -14.86 2.72 -21.67
N ASN A 138 -14.03 3.79 -21.55
CA ASN A 138 -13.08 4.22 -22.58
C ASN A 138 -11.63 3.86 -22.20
N LEU A 139 -10.68 4.20 -23.08
CA LEU A 139 -9.25 3.90 -22.90
C LEU A 139 -8.66 4.48 -21.62
N LYS A 140 -8.94 5.74 -21.30
CA LYS A 140 -8.51 6.43 -20.08
C LYS A 140 -8.89 5.59 -18.86
N GLN A 141 -10.12 5.06 -18.86
CA GLN A 141 -10.66 4.23 -17.80
C GLN A 141 -9.96 2.91 -17.74
N GLN A 142 -9.66 2.32 -18.91
CA GLN A 142 -8.97 1.04 -19.02
C GLN A 142 -7.55 1.17 -18.46
N LEU A 143 -6.89 2.30 -18.78
CA LEU A 143 -5.56 2.63 -18.26
C LEU A 143 -5.59 2.79 -16.73
N LYS A 144 -6.64 3.47 -16.22
CA LYS A 144 -6.85 3.66 -14.78
C LYS A 144 -6.96 2.32 -14.06
N TYR A 145 -7.62 1.30 -14.66
CA TYR A 145 -7.71 -0.04 -14.08
C TYR A 145 -6.36 -0.75 -14.17
N ALA A 146 -5.66 -0.65 -15.31
CA ALA A 146 -4.33 -1.24 -15.52
C ALA A 146 -3.34 -0.83 -14.41
N VAL A 147 -3.27 0.50 -14.09
CA VAL A 147 -2.45 1.08 -13.01
C VAL A 147 -2.88 0.47 -11.66
N GLN A 148 -4.19 0.38 -11.41
CA GLN A 148 -4.76 -0.19 -10.19
C GLN A 148 -4.42 -1.65 -9.98
N ILE A 149 -4.50 -2.49 -11.05
CA ILE A 149 -4.13 -3.91 -11.05
C ILE A 149 -2.66 -4.03 -10.72
N CYS A 150 -1.82 -3.22 -11.39
CA CYS A 150 -0.38 -3.16 -11.21
C CYS A 150 0.03 -2.77 -9.81
N LYS A 151 -0.69 -1.82 -9.17
CA LYS A 151 -0.40 -1.42 -7.78
C LYS A 151 -0.70 -2.53 -6.78
N GLY A 152 -1.78 -3.28 -6.99
CA GLY A 152 -2.16 -4.39 -6.12
C GLY A 152 -1.18 -5.53 -6.25
N MET A 153 -0.72 -5.78 -7.49
CA MET A 153 0.24 -6.81 -7.78
C MET A 153 1.64 -6.49 -7.22
N ASP A 154 2.07 -5.21 -7.33
CA ASP A 154 3.37 -4.76 -6.81
C ASP A 154 3.38 -4.88 -5.26
N TYR A 155 2.25 -4.55 -4.65
CA TYR A 155 2.08 -4.73 -3.21
C TYR A 155 2.23 -6.22 -2.86
N LEU A 156 1.55 -7.10 -3.63
CA LEU A 156 1.58 -8.55 -3.47
C LEU A 156 2.99 -9.15 -3.57
N GLY A 157 3.76 -8.71 -4.55
CA GLY A 157 5.13 -9.15 -4.79
C GLY A 157 6.07 -8.75 -3.67
N SER A 158 5.83 -7.55 -3.08
CA SER A 158 6.59 -7.01 -1.94
C SER A 158 6.36 -7.85 -0.69
N ARG A 159 5.24 -8.59 -0.66
CA ARG A 159 4.83 -9.51 0.41
C ARG A 159 5.35 -10.92 0.13
N GLN A 160 6.11 -11.04 -0.95
CA GLN A 160 6.77 -12.26 -1.46
C GLN A 160 5.76 -13.31 -1.97
N TYR A 161 4.63 -12.85 -2.53
CA TYR A 161 3.60 -13.73 -3.05
C TYR A 161 3.48 -13.71 -4.56
N VAL A 162 3.21 -14.88 -5.14
CA VAL A 162 2.87 -15.09 -6.54
C VAL A 162 1.43 -15.47 -6.57
N HIS A 163 0.58 -14.62 -7.18
CA HIS A 163 -0.87 -14.79 -7.29
C HIS A 163 -1.27 -16.14 -7.90
N ARG A 164 -0.75 -16.45 -9.10
CA ARG A 164 -0.93 -17.70 -9.85
C ARG A 164 -2.31 -17.85 -10.51
N ASP A 165 -3.16 -16.81 -10.44
CA ASP A 165 -4.47 -16.80 -11.09
C ASP A 165 -4.87 -15.36 -11.45
N LEU A 166 -3.95 -14.55 -11.97
CA LEU A 166 -4.26 -13.19 -12.34
C LEU A 166 -4.95 -13.17 -13.70
N ALA A 167 -6.32 -13.06 -13.66
CA ALA A 167 -7.22 -13.01 -14.80
C ALA A 167 -8.32 -12.01 -14.49
N ALA A 168 -9.03 -11.52 -15.53
CA ALA A 168 -10.11 -10.52 -15.43
C ALA A 168 -11.22 -10.97 -14.47
N ARG A 169 -11.54 -12.29 -14.46
CA ARG A 169 -12.54 -12.92 -13.61
C ARG A 169 -12.25 -12.79 -12.09
N ASN A 170 -10.96 -12.46 -11.77
CA ASN A 170 -10.41 -12.30 -10.41
C ASN A 170 -10.07 -10.85 -10.07
N VAL A 171 -10.48 -9.92 -10.95
CA VAL A 171 -10.29 -8.48 -10.75
C VAL A 171 -11.69 -7.96 -10.55
N LEU A 172 -11.91 -7.42 -9.36
CA LEU A 172 -13.20 -6.96 -8.91
C LEU A 172 -13.32 -5.46 -9.01
N VAL A 173 -14.49 -5.01 -9.46
CA VAL A 173 -14.81 -3.61 -9.69
C VAL A 173 -15.50 -3.02 -8.46
N GLU A 174 -14.83 -2.07 -7.80
CA GLU A 174 -15.37 -1.37 -6.65
C GLU A 174 -16.23 -0.22 -7.21
N SER A 175 -15.69 0.52 -8.16
CA SER A 175 -16.39 1.65 -8.79
C SER A 175 -15.97 1.82 -10.26
N GLU A 176 -16.38 2.94 -10.86
CA GLU A 176 -16.08 3.31 -12.25
C GLU A 176 -14.59 3.57 -12.40
N HIS A 177 -13.93 3.95 -11.28
CA HIS A 177 -12.52 4.32 -11.22
C HIS A 177 -11.68 3.49 -10.24
N GLN A 178 -12.20 2.37 -9.66
CA GLN A 178 -11.42 1.54 -8.72
C GLN A 178 -11.64 0.04 -8.84
N VAL A 179 -10.59 -0.72 -9.09
CA VAL A 179 -10.57 -2.19 -9.14
C VAL A 179 -9.68 -2.78 -8.02
N LYS A 180 -9.92 -4.07 -7.66
CA LYS A 180 -9.19 -4.77 -6.61
C LYS A 180 -8.98 -6.23 -7.01
N ILE A 181 -7.80 -6.81 -6.69
CA ILE A 181 -7.45 -8.22 -6.98
C ILE A 181 -8.15 -9.08 -5.96
N GLY A 182 -8.78 -10.18 -6.42
CA GLY A 182 -9.64 -11.00 -5.57
C GLY A 182 -9.41 -12.42 -5.10
N ASP A 183 -8.84 -13.31 -5.93
CA ASP A 183 -8.77 -14.75 -5.57
C ASP A 183 -7.34 -15.27 -5.32
N PHE A 184 -7.07 -15.62 -4.05
CA PHE A 184 -5.77 -16.06 -3.54
C PHE A 184 -5.72 -17.58 -3.31
N GLY A 185 -6.54 -18.29 -4.11
CA GLY A 185 -6.65 -19.75 -4.03
C GLY A 185 -5.42 -20.52 -4.49
N LEU A 186 -4.70 -20.00 -5.51
CA LEU A 186 -3.49 -20.64 -6.06
C LEU A 186 -2.22 -19.94 -5.68
N THR A 187 -2.34 -18.84 -4.90
CA THR A 187 -1.27 -17.97 -4.43
C THR A 187 -0.26 -18.73 -3.61
N LYS A 188 1.03 -18.48 -3.89
CA LYS A 188 2.14 -19.12 -3.16
C LYS A 188 3.15 -18.12 -2.75
N ALA A 189 3.76 -18.38 -1.60
CA ALA A 189 4.83 -17.55 -1.08
C ALA A 189 6.16 -18.04 -1.64
N ILE A 190 6.94 -17.10 -2.17
CA ILE A 190 8.29 -17.36 -2.66
C ILE A 190 9.20 -17.21 -1.44
N GLU A 191 10.00 -18.27 -1.16
CA GLU A 191 10.92 -18.31 -0.04
C GLU A 191 11.92 -17.15 -0.10
N THR A 192 12.39 -16.68 1.08
CA THR A 192 13.31 -15.54 1.16
C THR A 192 14.64 -15.85 0.44
N ASP A 193 15.11 -14.87 -0.37
CA ASP A 193 16.30 -14.90 -1.21
C ASP A 193 16.13 -15.77 -2.47
N LYS A 194 14.98 -16.50 -2.58
CA LYS A 194 14.64 -17.34 -3.74
C LYS A 194 13.90 -16.49 -4.75
N GLU A 195 14.12 -16.79 -6.02
CA GLU A 195 13.54 -16.10 -7.16
C GLU A 195 12.17 -16.65 -7.54
N THR A 198 8.14 -23.65 -6.75
CA THR A 198 7.86 -24.80 -7.61
C THR A 198 6.56 -25.45 -7.16
N VAL A 199 5.59 -25.49 -8.07
CA VAL A 199 4.27 -26.04 -7.79
C VAL A 199 4.29 -27.52 -8.13
N LYS A 200 4.15 -28.27 -7.05
CA LYS A 200 4.25 -29.71 -6.87
C LYS A 200 2.88 -30.39 -6.78
N ASP A 201 1.79 -29.79 -7.31
CA ASP A 201 0.55 -30.51 -7.03
C ASP A 201 -0.39 -30.74 -8.19
N ASP A 202 -1.46 -31.49 -7.89
CA ASP A 202 -2.45 -32.03 -8.83
C ASP A 202 -3.64 -31.10 -9.08
N ARG A 203 -3.56 -29.85 -8.61
CA ARG A 203 -4.62 -28.87 -8.78
C ARG A 203 -4.68 -28.33 -10.20
N ASP A 204 -5.87 -27.89 -10.62
CA ASP A 204 -6.10 -27.28 -11.93
C ASP A 204 -5.44 -25.89 -11.98
N SER A 205 -5.05 -25.45 -13.19
CA SER A 205 -4.33 -24.18 -13.36
C SER A 205 -4.79 -23.39 -14.58
N PRO A 206 -4.79 -22.03 -14.53
CA PRO A 206 -5.18 -21.26 -15.72
C PRO A 206 -4.03 -21.20 -16.75
N VAL A 207 -3.82 -22.31 -17.45
CA VAL A 207 -2.71 -22.49 -18.42
C VAL A 207 -2.66 -21.42 -19.53
N PHE A 208 -3.81 -20.87 -19.95
CA PHE A 208 -3.85 -19.86 -21.02
C PHE A 208 -3.44 -18.45 -20.54
N TRP A 209 -3.16 -18.30 -19.22
CA TRP A 209 -2.69 -17.05 -18.57
C TRP A 209 -1.25 -17.22 -18.07
N TYR A 210 -0.65 -18.43 -18.29
CA TYR A 210 0.64 -18.84 -17.76
C TYR A 210 1.86 -18.62 -18.64
N ALA A 211 2.95 -18.18 -17.96
CA ALA A 211 4.27 -17.94 -18.56
C ALA A 211 4.94 -19.30 -18.92
N PRO A 212 5.79 -19.36 -19.96
CA PRO A 212 6.42 -20.66 -20.33
C PRO A 212 7.08 -21.47 -19.22
N GLU A 213 7.78 -20.78 -18.28
CA GLU A 213 8.43 -21.46 -17.15
C GLU A 213 7.43 -22.21 -16.28
N CYS A 214 6.19 -21.72 -16.22
CA CYS A 214 5.09 -22.30 -15.44
C CYS A 214 4.64 -23.59 -16.08
N LEU A 215 4.47 -23.56 -17.39
CA LEU A 215 4.00 -24.68 -18.17
C LEU A 215 5.08 -25.74 -18.29
N MET A 216 6.32 -25.32 -18.58
CA MET A 216 7.44 -26.26 -18.73
C MET A 216 8.05 -26.77 -17.46
N GLN A 217 8.44 -25.91 -16.49
CA GLN A 217 9.14 -26.39 -15.29
C GLN A 217 8.35 -26.37 -13.98
N SER A 218 7.17 -25.75 -13.97
CA SER A 218 6.27 -25.51 -12.81
C SER A 218 6.90 -24.50 -11.83
N LYS A 219 7.58 -23.50 -12.39
CA LYS A 219 8.26 -22.45 -11.66
C LYS A 219 7.44 -21.17 -11.75
N PHE A 220 7.29 -20.48 -10.62
CA PHE A 220 6.45 -19.29 -10.52
C PHE A 220 7.21 -18.18 -9.87
N TYR A 221 7.61 -17.23 -10.70
CA TYR A 221 8.36 -16.02 -10.35
C TYR A 221 7.37 -14.85 -10.32
N ILE A 222 7.76 -13.71 -9.72
CA ILE A 222 6.94 -12.49 -9.76
C ILE A 222 6.66 -12.17 -11.24
N ALA A 223 7.69 -12.32 -12.09
CA ALA A 223 7.66 -12.15 -13.56
C ALA A 223 6.61 -13.03 -14.28
N SER A 224 6.19 -14.14 -13.64
CA SER A 224 5.13 -15.05 -14.12
C SER A 224 3.78 -14.37 -13.97
N ASP A 225 3.62 -13.58 -12.91
CA ASP A 225 2.46 -12.78 -12.60
C ASP A 225 2.43 -11.60 -13.60
N VAL A 226 3.62 -11.06 -13.97
CA VAL A 226 3.72 -10.00 -14.98
C VAL A 226 3.15 -10.56 -16.32
N TRP A 227 3.49 -11.83 -16.65
CA TRP A 227 2.98 -12.50 -17.86
C TRP A 227 1.44 -12.51 -17.91
N SER A 228 0.81 -12.98 -16.81
CA SER A 228 -0.65 -13.09 -16.60
C SER A 228 -1.31 -11.75 -16.65
N PHE A 229 -0.62 -10.69 -16.16
CA PHE A 229 -1.07 -9.31 -16.24
C PHE A 229 -1.22 -8.87 -17.71
N GLY A 230 -0.24 -9.22 -18.54
CA GLY A 230 -0.29 -8.93 -19.98
C GLY A 230 -1.48 -9.59 -20.66
N VAL A 231 -1.84 -10.80 -20.21
CA VAL A 231 -2.98 -11.57 -20.70
C VAL A 231 -4.29 -10.92 -20.17
N THR A 232 -4.27 -10.42 -18.92
CA THR A 232 -5.38 -9.74 -18.25
C THR A 232 -5.67 -8.38 -18.94
N LEU A 233 -4.59 -7.62 -19.27
CA LEU A 233 -4.61 -6.34 -19.97
C LEU A 233 -5.29 -6.53 -21.34
N HIS A 234 -4.95 -7.62 -22.05
CA HIS A 234 -5.55 -8.01 -23.33
C HIS A 234 -7.08 -8.21 -23.16
N GLU A 235 -7.50 -8.95 -22.11
CA GLU A 235 -8.90 -9.21 -21.78
C GLU A 235 -9.60 -7.87 -21.51
N LEU A 236 -8.97 -7.01 -20.70
CA LEU A 236 -9.45 -5.68 -20.35
C LEU A 236 -9.65 -4.80 -21.61
N LEU A 237 -8.70 -4.88 -22.57
CA LEU A 237 -8.80 -4.13 -23.82
C LEU A 237 -9.77 -4.75 -24.82
N THR A 238 -10.08 -6.06 -24.72
CA THR A 238 -11.06 -6.70 -25.61
C THR A 238 -12.46 -6.67 -24.96
N TYR A 239 -12.59 -5.99 -23.79
CA TYR A 239 -13.82 -5.86 -22.98
C TYR A 239 -14.36 -7.23 -22.55
N CYS A 240 -13.45 -8.20 -22.34
CA CYS A 240 -13.75 -9.59 -21.94
C CYS A 240 -14.72 -10.28 -22.90
N ASP A 241 -14.59 -9.98 -24.20
CA ASP A 241 -15.37 -10.67 -25.21
C ASP A 241 -14.99 -12.13 -25.13
N SER A 242 -15.99 -13.01 -25.03
CA SER A 242 -15.81 -14.46 -24.92
C SER A 242 -15.11 -15.05 -26.16
N ASP A 243 -15.47 -14.56 -27.38
CA ASP A 243 -14.89 -15.04 -28.65
C ASP A 243 -13.41 -14.70 -28.80
N SER A 244 -12.96 -13.67 -28.05
CA SER A 244 -11.59 -13.19 -28.06
C SER A 244 -10.85 -13.52 -26.75
N SER A 245 -11.41 -14.43 -25.93
CA SER A 245 -10.78 -14.82 -24.68
C SER A 245 -9.44 -15.55 -24.94
N PRO A 246 -8.46 -15.41 -24.02
CA PRO A 246 -7.15 -16.06 -24.23
C PRO A 246 -7.21 -17.54 -24.60
N MET A 247 -8.13 -18.30 -23.97
CA MET A 247 -8.33 -19.73 -24.26
C MET A 247 -8.80 -19.91 -25.68
N ALA A 248 -9.87 -19.20 -26.07
CA ALA A 248 -10.47 -19.25 -27.41
C ALA A 248 -9.48 -18.92 -28.51
N LEU A 249 -8.62 -17.92 -28.31
CA LEU A 249 -7.63 -17.50 -29.32
C LEU A 249 -6.47 -18.46 -29.40
N PHE A 250 -5.95 -18.90 -28.23
CA PHE A 250 -4.87 -19.87 -28.21
C PHE A 250 -5.29 -21.23 -28.75
N LEU A 251 -6.54 -21.68 -28.46
CA LEU A 251 -7.06 -22.95 -28.96
C LEU A 251 -7.21 -22.90 -30.46
N LYS A 252 -7.52 -21.69 -31.00
CA LYS A 252 -7.66 -21.43 -32.44
C LYS A 252 -6.28 -21.48 -33.13
N MET A 253 -5.20 -21.17 -32.37
CA MET A 253 -3.82 -21.14 -32.83
C MET A 253 -3.24 -22.55 -32.85
N ILE A 254 -3.53 -23.38 -31.82
CA ILE A 254 -2.96 -24.72 -31.62
C ILE A 254 -3.73 -25.84 -32.37
N GLY A 255 -4.93 -25.55 -32.83
CA GLY A 255 -5.78 -26.47 -33.57
C GLY A 255 -6.30 -27.63 -32.76
N PRO A 256 -6.66 -28.76 -33.45
CA PRO A 256 -7.20 -29.93 -32.73
C PRO A 256 -6.18 -30.56 -31.79
N THR A 257 -6.57 -30.71 -30.52
CA THR A 257 -5.71 -31.30 -29.49
C THR A 257 -6.49 -32.12 -28.49
N HIS A 258 -5.90 -33.22 -28.01
CA HIS A 258 -6.41 -34.00 -26.89
C HIS A 258 -6.02 -33.15 -25.66
N GLY A 259 -6.81 -33.25 -24.59
CA GLY A 259 -6.56 -32.48 -23.36
C GLY A 259 -5.19 -32.67 -22.74
N GLN A 260 -4.62 -33.90 -22.84
CA GLN A 260 -3.30 -34.24 -22.30
C GLN A 260 -2.14 -33.54 -23.06
N MET A 261 -2.42 -33.12 -24.31
CA MET A 261 -1.46 -32.48 -25.21
C MET A 261 -1.64 -30.96 -25.35
N THR A 262 -2.62 -30.38 -24.63
CA THR A 262 -2.93 -28.95 -24.66
C THR A 262 -1.76 -28.06 -24.22
N VAL A 263 -1.16 -28.36 -23.05
CA VAL A 263 -0.05 -27.61 -22.47
C VAL A 263 1.19 -27.70 -23.34
N THR A 264 1.55 -28.89 -23.84
CA THR A 264 2.71 -29.07 -24.73
C THR A 264 2.55 -28.32 -26.07
N ARG A 265 1.32 -28.32 -26.62
CA ARG A 265 0.95 -27.65 -27.87
C ARG A 265 1.01 -26.16 -27.67
N LEU A 266 0.69 -25.73 -26.46
CA LEU A 266 0.73 -24.34 -26.04
C LEU A 266 2.18 -23.89 -25.83
N VAL A 267 3.00 -24.71 -25.16
CA VAL A 267 4.42 -24.42 -24.92
C VAL A 267 5.09 -24.12 -26.28
N ASN A 268 4.84 -25.00 -27.26
CA ASN A 268 5.39 -24.93 -28.61
C ASN A 268 4.94 -23.70 -29.40
N THR A 269 3.67 -23.29 -29.27
CA THR A 269 3.14 -22.07 -29.90
C THR A 269 3.93 -20.86 -29.38
N LEU A 270 4.12 -20.79 -28.05
CA LEU A 270 4.86 -19.72 -27.37
C LEU A 270 6.36 -19.69 -27.74
N LYS A 271 7.00 -20.88 -27.86
CA LYS A 271 8.40 -21.01 -28.30
C LYS A 271 8.61 -20.46 -29.73
N GLU A 272 7.59 -20.57 -30.61
CA GLU A 272 7.65 -20.07 -31.99
C GLU A 272 7.51 -18.53 -32.07
N GLY A 273 7.19 -17.90 -30.94
CA GLY A 273 7.06 -16.45 -30.86
C GLY A 273 5.64 -15.94 -30.98
N LYS A 274 4.68 -16.85 -31.13
CA LYS A 274 3.26 -16.55 -31.25
C LYS A 274 2.64 -16.01 -29.95
N ARG A 275 1.93 -14.86 -30.05
CA ARG A 275 1.29 -14.20 -28.90
C ARG A 275 -0.12 -13.75 -29.25
N LEU A 276 -0.92 -13.37 -28.23
CA LEU A 276 -2.27 -12.83 -28.44
C LEU A 276 -2.12 -11.54 -29.25
N PRO A 277 -2.90 -11.34 -30.33
CA PRO A 277 -2.69 -10.14 -31.15
C PRO A 277 -3.11 -8.84 -30.45
N CYS A 278 -2.65 -7.70 -30.99
CA CYS A 278 -2.97 -6.38 -30.46
C CYS A 278 -4.49 -6.17 -30.59
N PRO A 279 -5.26 -5.96 -29.50
CA PRO A 279 -6.70 -5.73 -29.66
C PRO A 279 -6.99 -4.54 -30.61
N PRO A 280 -8.02 -4.61 -31.48
CA PRO A 280 -8.32 -3.43 -32.31
C PRO A 280 -8.59 -2.24 -31.37
N ASN A 281 -8.18 -1.04 -31.82
CA ASN A 281 -8.36 0.23 -31.10
C ASN A 281 -7.54 0.34 -29.80
N CYS A 282 -6.57 -0.59 -29.61
CA CYS A 282 -5.57 -0.54 -28.54
C CYS A 282 -4.35 0.19 -29.18
N PRO A 283 -3.94 1.38 -28.68
CA PRO A 283 -2.79 2.05 -29.28
C PRO A 283 -1.48 1.28 -29.06
N ASP A 284 -0.53 1.43 -30.00
CA ASP A 284 0.78 0.78 -30.03
C ASP A 284 1.53 0.96 -28.69
N GLU A 285 1.42 2.15 -28.11
CA GLU A 285 2.02 2.50 -26.82
C GLU A 285 1.53 1.60 -25.68
N VAL A 286 0.28 1.10 -25.74
CA VAL A 286 -0.28 0.17 -24.76
C VAL A 286 0.12 -1.27 -25.12
N TYR A 287 0.15 -1.62 -26.44
CA TYR A 287 0.54 -2.93 -26.94
C TYR A 287 2.02 -3.26 -26.65
N GLN A 288 2.93 -2.27 -26.80
CA GLN A 288 4.35 -2.49 -26.49
C GLN A 288 4.54 -2.83 -25.01
N LEU A 289 3.74 -2.20 -24.12
CA LEU A 289 3.76 -2.50 -22.70
C LEU A 289 3.25 -3.95 -22.44
N MET A 290 2.27 -4.43 -23.23
CA MET A 290 1.72 -5.79 -23.20
C MET A 290 2.80 -6.77 -23.64
N ARG A 291 3.51 -6.44 -24.71
CA ARG A 291 4.62 -7.20 -25.29
C ARG A 291 5.79 -7.34 -24.31
N LYS A 292 5.99 -6.32 -23.43
CA LYS A 292 7.03 -6.31 -22.39
C LYS A 292 6.70 -7.32 -21.27
N CYS A 293 5.43 -7.77 -21.19
CA CYS A 293 4.95 -8.76 -20.23
C CYS A 293 5.17 -10.17 -20.78
N TRP A 294 5.32 -10.30 -22.12
CA TRP A 294 5.36 -11.58 -22.81
C TRP A 294 6.73 -12.00 -23.36
N GLU A 295 7.83 -11.44 -22.85
CA GLU A 295 9.20 -11.82 -23.20
C GLU A 295 9.38 -13.26 -22.68
N PHE A 296 9.75 -14.23 -23.55
CA PHE A 296 9.86 -15.67 -23.23
C PHE A 296 10.54 -15.94 -21.88
N GLN A 297 11.77 -15.40 -21.70
CA GLN A 297 12.54 -15.55 -20.47
C GLN A 297 11.99 -14.64 -19.36
N PRO A 298 11.80 -15.14 -18.10
CA PRO A 298 11.24 -14.27 -17.05
C PRO A 298 12.03 -13.00 -16.73
N SER A 299 13.36 -13.05 -16.85
CA SER A 299 14.26 -11.93 -16.56
C SER A 299 14.23 -10.79 -17.58
N ASN A 300 13.67 -11.05 -18.76
CA ASN A 300 13.58 -10.07 -19.85
C ASN A 300 12.27 -9.27 -19.81
N ARG A 301 11.39 -9.63 -18.87
CA ARG A 301 10.10 -8.96 -18.72
C ARG A 301 10.20 -7.71 -17.87
N THR A 302 9.28 -6.78 -18.14
CA THR A 302 9.13 -5.53 -17.41
C THR A 302 8.67 -5.82 -15.97
N SER A 303 8.78 -4.82 -15.11
CA SER A 303 8.37 -4.93 -13.72
C SER A 303 6.95 -4.34 -13.58
N PHE A 304 6.31 -4.53 -12.42
CA PHE A 304 5.01 -3.92 -12.17
C PHE A 304 5.18 -2.40 -11.99
N GLN A 305 6.33 -1.96 -11.44
CA GLN A 305 6.63 -0.54 -11.23
C GLN A 305 6.85 0.18 -12.55
N ASN A 306 7.59 -0.47 -13.48
CA ASN A 306 7.81 0.05 -14.82
C ASN A 306 6.48 0.11 -15.59
N LEU A 307 5.59 -0.86 -15.37
CA LEU A 307 4.26 -0.86 -15.99
C LEU A 307 3.40 0.32 -15.49
N ILE A 308 3.40 0.59 -14.16
CA ILE A 308 2.68 1.71 -13.54
C ILE A 308 3.12 3.02 -14.21
N GLU A 309 4.44 3.26 -14.21
CA GLU A 309 5.06 4.45 -14.83
C GLU A 309 4.71 4.55 -16.31
N GLY A 310 4.68 3.40 -17.01
CA GLY A 310 4.31 3.29 -18.42
C GLY A 310 2.89 3.72 -18.73
N PHE A 311 1.92 3.26 -17.94
CA PHE A 311 0.50 3.61 -18.14
C PHE A 311 0.21 5.02 -17.66
N GLU A 312 0.91 5.49 -16.58
CA GLU A 312 0.70 6.84 -16.04
C GLU A 312 1.02 7.93 -17.06
N ALA A 313 2.14 7.74 -17.83
CA ALA A 313 2.59 8.65 -18.91
C ALA A 313 1.53 8.81 -20.01
N LEU A 314 0.66 7.81 -20.15
CA LEU A 314 -0.42 7.78 -21.12
C LEU A 314 -1.74 8.47 -20.63
N LEU A 315 -1.90 8.66 -19.32
CA LEU A 315 -3.09 9.30 -18.74
C LEU A 315 -2.98 10.81 -18.69
N PRO B 29 18.64 -9.64 -5.02
CA PRO B 29 17.47 -9.04 -5.70
C PRO B 29 17.22 -7.58 -5.31
N THR B 30 17.00 -7.33 -3.99
CA THR B 30 16.79 -5.98 -3.41
C THR B 30 17.86 -5.73 -2.34
N HIS B 31 19.11 -6.10 -2.66
CA HIS B 31 20.28 -5.95 -1.80
C HIS B 31 21.35 -5.17 -2.55
N PHE B 32 21.69 -3.99 -2.02
CA PHE B 32 22.60 -3.02 -2.62
C PHE B 32 24.05 -3.15 -2.11
N GLU B 33 25.01 -3.27 -3.08
CA GLU B 33 26.45 -3.35 -2.85
C GLU B 33 27.01 -1.97 -2.55
N LYS B 34 27.71 -1.84 -1.40
CA LYS B 34 28.33 -0.60 -0.89
C LYS B 34 29.19 0.14 -1.93
N ARG B 35 29.98 -0.59 -2.71
CA ARG B 35 30.87 -0.06 -3.75
C ARG B 35 30.15 0.58 -4.95
N PHE B 36 28.83 0.35 -5.08
CA PHE B 36 28.04 0.90 -6.18
C PHE B 36 27.14 2.05 -5.76
N LEU B 37 27.15 2.41 -4.48
CA LEU B 37 26.37 3.53 -3.96
C LEU B 37 27.24 4.77 -4.03
N LYS B 38 27.07 5.53 -5.11
CA LYS B 38 27.86 6.74 -5.35
C LYS B 38 27.15 7.95 -4.79
N ARG B 39 27.73 8.52 -3.71
CA ARG B 39 27.20 9.69 -3.01
C ARG B 39 27.15 10.93 -3.93
N ILE B 40 26.01 11.64 -3.90
CA ILE B 40 25.78 12.86 -4.67
C ILE B 40 25.88 14.02 -3.70
N ARG B 41 24.96 14.05 -2.73
CA ARG B 41 24.91 15.08 -1.69
C ARG B 41 24.17 14.55 -0.45
N ASP B 42 24.10 15.38 0.60
CA ASP B 42 23.41 15.09 1.84
C ASP B 42 22.00 15.63 1.73
N LEU B 43 21.06 14.88 2.29
CA LEU B 43 19.64 15.24 2.34
C LEU B 43 19.27 15.61 3.77
N GLY B 44 19.86 14.89 4.73
CA GLY B 44 19.62 15.06 6.15
C GLY B 44 20.80 14.62 6.99
N GLU B 45 21.02 15.34 8.11
CA GLU B 45 22.10 15.12 9.07
C GLU B 45 21.59 15.02 10.51
N GLY B 46 22.34 14.29 11.32
CA GLY B 46 22.09 14.13 12.75
C GLY B 46 23.34 13.80 13.50
N HIS B 47 23.24 13.78 14.84
CA HIS B 47 24.39 13.51 15.71
C HIS B 47 24.93 12.09 15.62
N PHE B 48 24.06 11.10 15.28
CA PHE B 48 24.46 9.69 15.22
C PHE B 48 24.36 9.04 13.82
N GLY B 49 23.71 9.72 12.88
CA GLY B 49 23.53 9.23 11.52
C GLY B 49 23.14 10.29 10.52
N LYS B 50 23.07 9.92 9.23
CA LYS B 50 22.69 10.82 8.13
C LYS B 50 21.90 10.13 7.01
N VAL B 51 21.26 10.95 6.15
CA VAL B 51 20.50 10.54 4.97
C VAL B 51 21.17 11.23 3.77
N GLU B 52 21.58 10.42 2.79
CA GLU B 52 22.28 10.92 1.63
C GLU B 52 21.59 10.53 0.34
N LEU B 53 21.84 11.30 -0.72
CA LEU B 53 21.38 11.04 -2.06
C LEU B 53 22.53 10.31 -2.73
N CYS B 54 22.24 9.12 -3.26
CA CYS B 54 23.19 8.24 -3.94
C CYS B 54 22.62 7.78 -5.25
N ARG B 55 23.50 7.28 -6.09
CA ARG B 55 23.11 6.66 -7.32
C ARG B 55 23.65 5.28 -7.18
N TYR B 56 22.77 4.29 -7.23
CA TYR B 56 23.24 2.92 -7.20
C TYR B 56 23.62 2.62 -8.65
N ASP B 57 24.92 2.58 -8.92
CA ASP B 57 25.42 2.42 -10.27
C ASP B 57 26.36 1.19 -10.47
N PRO B 58 25.80 -0.04 -10.59
CA PRO B 58 26.67 -1.22 -10.81
C PRO B 58 27.25 -1.35 -12.22
N GLU B 59 26.78 -0.52 -13.18
CA GLU B 59 27.29 -0.51 -14.55
C GLU B 59 28.41 0.53 -14.73
N GLY B 60 28.44 1.52 -13.83
CA GLY B 60 29.43 2.60 -13.83
C GLY B 60 29.22 3.69 -14.87
N ASP B 61 28.19 3.53 -15.74
CA ASP B 61 27.86 4.45 -16.83
C ASP B 61 27.08 5.71 -16.38
N ASN B 62 26.82 5.85 -15.06
CA ASN B 62 26.07 6.94 -14.42
C ASN B 62 24.58 6.93 -14.84
N THR B 63 24.06 5.73 -15.18
CA THR B 63 22.67 5.52 -15.60
C THR B 63 21.81 4.86 -14.52
N GLY B 64 22.41 4.58 -13.36
CA GLY B 64 21.71 3.97 -12.23
C GLY B 64 20.66 4.87 -11.61
N GLU B 65 19.71 4.29 -10.88
CA GLU B 65 18.65 5.07 -10.23
C GLU B 65 19.14 5.78 -8.96
N GLN B 66 18.58 6.96 -8.67
CA GLN B 66 18.90 7.75 -7.50
C GLN B 66 18.13 7.17 -6.32
N VAL B 67 18.78 7.04 -5.16
CA VAL B 67 18.16 6.49 -3.95
C VAL B 67 18.46 7.40 -2.76
N ALA B 68 17.74 7.19 -1.64
CA ALA B 68 17.97 7.91 -0.39
C ALA B 68 18.52 6.85 0.55
N VAL B 69 19.76 7.06 1.02
CA VAL B 69 20.47 6.11 1.87
C VAL B 69 20.59 6.63 3.31
N LYS B 70 20.06 5.86 4.28
CA LYS B 70 20.12 6.20 5.70
C LYS B 70 21.19 5.32 6.41
N SER B 71 22.20 5.98 7.02
CA SER B 71 23.32 5.32 7.70
C SER B 71 23.69 5.88 9.08
N LEU B 72 24.60 5.18 9.78
CA LEU B 72 25.13 5.56 11.09
C LEU B 72 26.51 6.22 10.98
N LYS B 73 26.92 6.98 12.05
CA LYS B 73 28.17 7.72 12.26
C LYS B 73 27.99 9.24 12.13
N HIS B 80 22.26 2.39 18.72
CA HIS B 80 22.06 3.04 17.41
C HIS B 80 22.08 2.00 16.29
N ILE B 81 22.95 0.99 16.41
CA ILE B 81 23.07 -0.10 15.43
C ILE B 81 21.79 -0.97 15.43
N ALA B 82 21.32 -1.37 16.64
CA ALA B 82 20.12 -2.16 16.81
C ALA B 82 18.88 -1.32 16.52
N ASP B 83 18.97 0.01 16.75
CA ASP B 83 17.88 0.96 16.46
C ASP B 83 17.58 1.11 14.98
N LEU B 84 18.62 1.16 14.13
CA LEU B 84 18.43 1.28 12.68
C LEU B 84 17.85 0.00 12.09
N LYS B 85 18.25 -1.16 12.62
CA LYS B 85 17.78 -2.48 12.22
C LYS B 85 16.30 -2.65 12.52
N LYS B 86 15.84 -2.13 13.68
CA LYS B 86 14.44 -2.11 14.12
C LYS B 86 13.65 -1.23 13.14
N GLU B 87 14.20 -0.06 12.77
CA GLU B 87 13.63 0.90 11.84
C GLU B 87 13.51 0.27 10.41
N ILE B 88 14.54 -0.49 10.01
CA ILE B 88 14.59 -1.21 8.74
C ILE B 88 13.49 -2.27 8.72
N GLU B 89 13.41 -3.09 9.80
CA GLU B 89 12.45 -4.16 10.02
C GLU B 89 11.00 -3.66 9.84
N ILE B 90 10.62 -2.54 10.53
CA ILE B 90 9.31 -1.88 10.45
C ILE B 90 9.00 -1.41 9.01
N LEU B 91 9.85 -0.51 8.44
CA LEU B 91 9.69 0.04 7.09
C LEU B 91 9.56 -1.06 6.00
N ARG B 92 10.34 -2.14 6.12
CA ARG B 92 10.34 -3.30 5.23
C ARG B 92 8.94 -3.93 5.17
N ASN B 93 8.20 -3.92 6.30
CA ASN B 93 6.85 -4.49 6.45
C ASN B 93 5.71 -3.52 6.19
N LEU B 94 6.00 -2.30 5.76
CA LEU B 94 4.96 -1.30 5.44
C LEU B 94 4.94 -1.05 3.95
N TYR B 95 3.72 -1.09 3.36
CA TYR B 95 3.48 -0.80 1.95
C TYR B 95 2.19 -0.02 1.81
N HIS B 96 2.31 1.26 1.47
CA HIS B 96 1.22 2.20 1.34
C HIS B 96 1.71 3.37 0.51
N GLU B 97 0.81 3.98 -0.27
CA GLU B 97 1.04 5.12 -1.16
C GLU B 97 1.47 6.38 -0.39
N ASN B 98 1.18 6.44 0.91
CA ASN B 98 1.55 7.58 1.74
C ASN B 98 2.61 7.22 2.82
N ILE B 99 3.37 6.15 2.56
CA ILE B 99 4.51 5.70 3.38
C ILE B 99 5.66 5.58 2.37
N VAL B 100 6.83 6.18 2.68
CA VAL B 100 8.04 6.16 1.85
C VAL B 100 8.40 4.70 1.46
N LYS B 101 8.63 4.45 0.13
CA LYS B 101 8.94 3.12 -0.42
C LYS B 101 10.30 2.61 0.04
N TYR B 102 10.29 1.49 0.72
CA TYR B 102 11.46 0.73 1.14
C TYR B 102 12.04 0.09 -0.14
N LYS B 103 13.33 0.30 -0.39
CA LYS B 103 13.95 -0.30 -1.55
C LYS B 103 14.82 -1.54 -1.16
N GLY B 104 15.50 -1.46 -0.03
CA GLY B 104 16.32 -2.55 0.46
C GLY B 104 17.34 -2.15 1.49
N ILE B 105 18.41 -2.97 1.59
CA ILE B 105 19.50 -2.76 2.55
C ILE B 105 20.89 -2.84 1.92
N CYS B 106 21.88 -2.32 2.62
CA CYS B 106 23.29 -2.38 2.24
C CYS B 106 24.07 -2.85 3.45
N THR B 107 24.58 -4.09 3.39
CA THR B 107 25.32 -4.71 4.49
C THR B 107 26.82 -4.36 4.41
N GLU B 108 27.36 -3.79 5.49
CA GLU B 108 28.79 -3.40 5.56
C GLU B 108 29.67 -4.62 5.85
N ASN B 112 29.04 -5.94 10.10
CA ASN B 112 27.81 -5.97 10.91
C ASN B 112 26.90 -4.74 10.68
N GLY B 113 27.49 -3.65 10.21
CA GLY B 113 26.80 -2.40 9.90
C GLY B 113 25.81 -2.54 8.76
N ILE B 114 24.75 -1.72 8.77
CA ILE B 114 23.69 -1.77 7.76
C ILE B 114 23.23 -0.37 7.31
N LYS B 115 22.83 -0.27 6.05
CA LYS B 115 22.31 0.96 5.47
C LYS B 115 20.89 0.69 4.97
N LEU B 116 19.98 1.65 5.20
CA LEU B 116 18.60 1.61 4.73
C LEU B 116 18.51 2.34 3.40
N ILE B 117 18.04 1.64 2.37
CA ILE B 117 17.86 2.17 1.04
C ILE B 117 16.35 2.35 0.89
N MET B 118 15.97 3.52 0.42
CA MET B 118 14.57 3.84 0.20
C MET B 118 14.45 4.73 -1.03
N GLU B 119 13.20 4.99 -1.49
CA GLU B 119 12.99 5.87 -2.63
C GLU B 119 13.41 7.30 -2.28
N PHE B 120 14.01 7.99 -3.25
CA PHE B 120 14.40 9.38 -3.09
C PHE B 120 13.22 10.23 -3.52
N LEU B 121 12.72 11.09 -2.63
CA LEU B 121 11.61 12.02 -2.89
C LEU B 121 12.26 13.40 -3.03
N PRO B 122 12.54 13.82 -4.30
CA PRO B 122 13.32 15.04 -4.53
C PRO B 122 12.88 16.33 -3.84
N SER B 123 11.56 16.56 -3.67
CA SER B 123 11.08 17.79 -3.01
C SER B 123 11.32 17.81 -1.48
N GLY B 124 11.86 16.70 -0.95
CA GLY B 124 12.20 16.49 0.47
C GLY B 124 11.00 16.56 1.39
N SER B 125 11.26 16.88 2.67
CA SER B 125 10.23 17.02 3.69
C SER B 125 9.36 18.29 3.50
N LEU B 126 8.12 18.28 4.08
CA LEU B 126 7.21 19.43 4.08
C LEU B 126 7.88 20.65 4.74
N LYS B 127 8.81 20.40 5.69
CA LYS B 127 9.59 21.42 6.38
C LYS B 127 10.49 22.21 5.41
N GLU B 128 10.94 21.55 4.32
CA GLU B 128 11.76 22.17 3.28
C GLU B 128 10.89 22.79 2.16
N TYR B 129 9.85 22.05 1.76
CA TYR B 129 8.95 22.36 0.66
C TYR B 129 8.01 23.56 0.87
N LEU B 130 7.28 23.59 2.01
CA LEU B 130 6.31 24.64 2.30
C LEU B 130 6.92 26.05 2.32
N PRO B 131 8.07 26.34 2.99
CA PRO B 131 8.64 27.71 2.90
C PRO B 131 9.01 28.16 1.48
N LYS B 132 9.35 27.22 0.59
CA LYS B 132 9.72 27.48 -0.82
C LYS B 132 8.50 27.53 -1.75
N ASN B 133 7.34 27.08 -1.27
CA ASN B 133 6.13 27.03 -2.09
C ASN B 133 4.89 27.67 -1.43
N LYS B 134 5.07 28.73 -0.61
CA LYS B 134 3.96 29.43 0.07
C LYS B 134 2.89 29.87 -0.95
N ASN B 135 3.34 30.57 -2.01
CA ASN B 135 2.52 31.12 -3.08
C ASN B 135 1.84 30.08 -3.94
N LYS B 136 2.43 28.87 -4.00
CA LYS B 136 1.97 27.75 -4.82
C LYS B 136 0.94 26.83 -4.15
N ILE B 137 0.99 26.70 -2.79
CA ILE B 137 0.11 25.80 -2.02
C ILE B 137 -1.02 26.56 -1.31
N ASN B 138 -2.29 26.18 -1.63
CA ASN B 138 -3.49 26.78 -1.03
C ASN B 138 -4.14 25.83 0.00
N LEU B 139 -5.25 26.27 0.63
CA LEU B 139 -5.97 25.52 1.66
C LEU B 139 -6.42 24.15 1.18
N LYS B 140 -7.04 24.07 -0.01
CA LYS B 140 -7.50 22.85 -0.65
C LYS B 140 -6.35 21.81 -0.70
N GLN B 141 -5.13 22.25 -1.10
CA GLN B 141 -3.94 21.39 -1.16
C GLN B 141 -3.44 21.00 0.23
N GLN B 142 -3.55 21.93 1.20
CA GLN B 142 -3.16 21.67 2.59
C GLN B 142 -4.08 20.59 3.15
N LEU B 143 -5.40 20.67 2.85
CA LEU B 143 -6.40 19.68 3.23
C LEU B 143 -6.09 18.35 2.56
N LYS B 144 -5.67 18.38 1.27
CA LYS B 144 -5.32 17.17 0.51
C LYS B 144 -4.17 16.45 1.18
N TYR B 145 -3.13 17.20 1.66
CA TYR B 145 -2.01 16.60 2.38
C TYR B 145 -2.48 16.07 3.73
N ALA B 146 -3.31 16.82 4.49
CA ALA B 146 -3.87 16.40 5.78
C ALA B 146 -4.56 15.03 5.69
N VAL B 147 -5.43 14.81 4.66
CA VAL B 147 -6.12 13.55 4.36
C VAL B 147 -5.07 12.46 4.08
N GLN B 148 -4.05 12.78 3.26
CA GLN B 148 -2.97 11.87 2.92
C GLN B 148 -2.15 11.41 4.11
N ILE B 149 -1.78 12.34 5.04
CA ILE B 149 -1.04 12.08 6.28
C ILE B 149 -1.90 11.16 7.15
N CYS B 150 -3.20 11.48 7.29
CA CYS B 150 -4.19 10.71 8.03
C CYS B 150 -4.37 9.30 7.51
N LYS B 151 -4.36 9.11 6.16
CA LYS B 151 -4.50 7.76 5.57
C LYS B 151 -3.26 6.90 5.83
N GLY B 152 -2.07 7.49 5.72
CA GLY B 152 -0.81 6.82 6.00
C GLY B 152 -0.73 6.41 7.47
N MET B 153 -1.17 7.29 8.39
CA MET B 153 -1.21 7.07 9.83
C MET B 153 -2.23 6.01 10.25
N ASP B 154 -3.42 6.03 9.63
CA ASP B 154 -4.50 5.05 9.88
C ASP B 154 -4.02 3.66 9.45
N TYR B 155 -3.24 3.62 8.33
CA TYR B 155 -2.65 2.38 7.81
C TYR B 155 -1.70 1.87 8.89
N LEU B 156 -0.84 2.77 9.39
CA LEU B 156 0.15 2.49 10.41
C LEU B 156 -0.45 1.93 11.72
N GLY B 157 -1.52 2.53 12.22
CA GLY B 157 -2.22 2.11 13.42
C GLY B 157 -2.87 0.73 13.29
N SER B 158 -3.38 0.43 12.05
CA SER B 158 -3.98 -0.87 11.70
C SER B 158 -2.93 -1.97 11.69
N ARG B 159 -1.64 -1.58 11.56
CA ARG B 159 -0.47 -2.47 11.58
C ARG B 159 0.06 -2.58 13.02
N GLN B 160 -0.66 -1.94 13.98
CA GLN B 160 -0.42 -1.88 15.42
C GLN B 160 0.85 -1.10 15.78
N TYR B 161 1.18 -0.08 14.97
CA TYR B 161 2.36 0.75 15.20
C TYR B 161 2.04 2.17 15.65
N VAL B 162 2.89 2.71 16.55
CA VAL B 162 2.90 4.10 16.99
C VAL B 162 4.14 4.70 16.42
N HIS B 163 3.98 5.67 15.52
CA HIS B 163 5.07 6.36 14.80
C HIS B 163 6.12 6.96 15.76
N ARG B 164 5.66 7.80 16.71
CA ARG B 164 6.45 8.45 17.76
C ARG B 164 7.31 9.62 17.29
N ASP B 165 7.21 10.00 16.00
CA ASP B 165 7.92 11.14 15.46
C ASP B 165 7.13 11.78 14.28
N LEU B 166 5.82 11.94 14.43
CA LEU B 166 5.05 12.54 13.36
C LEU B 166 5.16 14.06 13.40
N ALA B 167 6.01 14.61 12.52
CA ALA B 167 6.30 16.03 12.34
C ALA B 167 6.46 16.30 10.84
N ALA B 168 6.34 17.59 10.43
CA ALA B 168 6.45 18.05 9.04
C ALA B 168 7.76 17.63 8.38
N ARG B 169 8.86 17.65 9.15
CA ARG B 169 10.22 17.26 8.74
C ARG B 169 10.32 15.75 8.35
N ASN B 170 9.30 14.93 8.73
CA ASN B 170 9.17 13.51 8.47
C ASN B 170 8.08 13.16 7.46
N VAL B 171 7.49 14.19 6.83
CA VAL B 171 6.45 14.04 5.81
C VAL B 171 7.12 14.50 4.55
N LEU B 172 7.30 13.54 3.64
CA LEU B 172 8.05 13.76 2.39
C LEU B 172 7.15 14.00 1.23
N VAL B 173 7.54 14.96 0.38
CA VAL B 173 6.80 15.40 -0.79
C VAL B 173 7.27 14.66 -2.04
N GLU B 174 6.37 13.88 -2.66
CA GLU B 174 6.64 13.14 -3.89
C GLU B 174 6.40 14.08 -5.08
N SER B 175 5.24 14.77 -5.04
CA SER B 175 4.77 15.78 -6.00
C SER B 175 3.89 16.78 -5.21
N GLU B 176 3.32 17.77 -5.89
CA GLU B 176 2.44 18.79 -5.32
C GLU B 176 1.11 18.20 -4.76
N HIS B 177 0.74 16.93 -5.10
CA HIS B 177 -0.53 16.33 -4.65
C HIS B 177 -0.35 15.03 -3.86
N GLN B 178 0.90 14.65 -3.61
CA GLN B 178 1.22 13.41 -2.89
C GLN B 178 2.34 13.62 -1.89
N VAL B 179 2.11 13.15 -0.66
CA VAL B 179 3.04 13.15 0.46
C VAL B 179 3.14 11.74 1.06
N LYS B 180 4.34 11.39 1.55
CA LYS B 180 4.65 10.09 2.17
C LYS B 180 5.32 10.24 3.55
N ILE B 181 4.82 9.50 4.55
CA ILE B 181 5.38 9.52 5.90
C ILE B 181 6.65 8.67 5.95
N GLY B 182 7.68 9.26 6.56
CA GLY B 182 9.00 8.67 6.75
C GLY B 182 9.43 8.70 8.19
N ASP B 183 10.67 8.29 8.44
CA ASP B 183 11.34 8.12 9.72
C ASP B 183 10.52 7.28 10.70
N PHE B 184 10.78 5.97 10.69
CA PHE B 184 10.17 5.05 11.64
C PHE B 184 11.21 4.64 12.69
N GLY B 185 12.16 5.54 12.96
CA GLY B 185 13.25 5.36 13.92
C GLY B 185 12.82 5.19 15.35
N LEU B 186 11.71 5.86 15.73
CA LEU B 186 11.17 5.83 17.09
C LEU B 186 9.91 4.99 17.20
N THR B 187 9.44 4.45 16.05
CA THR B 187 8.21 3.67 15.89
C THR B 187 8.25 2.42 16.77
N LYS B 188 7.12 2.15 17.45
CA LYS B 188 6.98 0.97 18.30
C LYS B 188 5.69 0.25 18.02
N ALA B 189 5.72 -1.06 18.20
CA ALA B 189 4.54 -1.89 18.03
C ALA B 189 3.83 -1.98 19.37
N ILE B 190 2.50 -1.75 19.33
CA ILE B 190 1.63 -1.88 20.48
C ILE B 190 1.19 -3.35 20.50
N GLU B 191 1.43 -4.03 21.63
CA GLU B 191 1.07 -5.43 21.82
C GLU B 191 -0.44 -5.66 21.59
N THR B 192 -0.82 -6.86 21.10
CA THR B 192 -2.21 -7.19 20.80
C THR B 192 -3.07 -7.11 22.07
N ASP B 193 -4.25 -6.45 21.94
CA ASP B 193 -5.25 -6.20 22.99
C ASP B 193 -4.81 -5.11 23.99
N LYS B 194 -3.56 -4.62 23.86
CA LYS B 194 -3.01 -3.52 24.68
C LYS B 194 -3.32 -2.21 24.00
N GLU B 195 -3.57 -1.19 24.80
CA GLU B 195 -3.90 0.16 24.36
C GLU B 195 -2.66 1.01 24.03
N THR B 198 5.09 1.35 26.37
CA THR B 198 5.89 2.15 27.32
C THR B 198 7.36 2.18 26.85
N VAL B 199 7.92 3.38 26.66
CA VAL B 199 9.31 3.55 26.21
C VAL B 199 10.24 3.86 27.40
N LYS B 200 11.32 3.05 27.55
CA LYS B 200 12.39 3.09 28.58
C LYS B 200 13.26 4.31 28.29
N ASP B 201 14.21 4.18 27.33
CA ASP B 201 15.02 5.33 26.91
C ASP B 201 14.49 5.77 25.54
N ASP B 202 14.31 7.09 25.44
CA ASP B 202 13.87 7.86 24.30
C ASP B 202 14.86 9.07 24.14
N ARG B 203 15.92 8.88 23.34
CA ARG B 203 16.95 9.88 23.10
C ARG B 203 16.55 10.92 22.04
N ASP B 204 16.01 10.43 20.92
CA ASP B 204 15.59 11.26 19.79
C ASP B 204 14.16 11.85 20.00
N SER B 205 13.66 11.89 21.27
CA SER B 205 12.30 12.34 21.59
C SER B 205 11.88 13.79 21.16
N PRO B 206 10.92 13.92 20.20
CA PRO B 206 10.37 15.25 19.83
C PRO B 206 9.26 15.72 20.81
N VAL B 207 9.69 16.20 21.96
CA VAL B 207 8.84 16.60 23.09
C VAL B 207 7.78 17.66 22.73
N PHE B 208 8.08 18.58 21.80
CA PHE B 208 7.12 19.64 21.41
C PHE B 208 6.00 19.15 20.49
N TRP B 209 6.04 17.85 20.08
CA TRP B 209 5.03 17.19 19.24
C TRP B 209 4.29 16.11 20.05
N TYR B 210 4.67 15.93 21.34
CA TYR B 210 4.20 14.88 22.24
C TYR B 210 3.00 15.19 23.13
N ALA B 211 2.13 14.16 23.22
CA ALA B 211 0.92 14.15 24.05
C ALA B 211 1.30 14.09 25.54
N PRO B 212 0.51 14.66 26.47
CA PRO B 212 0.91 14.65 27.90
C PRO B 212 1.28 13.30 28.49
N GLU B 213 0.57 12.22 28.11
CA GLU B 213 0.87 10.85 28.60
C GLU B 213 2.27 10.41 28.23
N CYS B 214 2.80 10.92 27.11
CA CYS B 214 4.13 10.65 26.57
C CYS B 214 5.21 11.32 27.40
N LEU B 215 4.93 12.56 27.79
CA LEU B 215 5.86 13.37 28.56
C LEU B 215 5.84 12.93 30.03
N MET B 216 4.62 12.72 30.58
CA MET B 216 4.47 12.33 31.97
C MET B 216 4.73 10.86 32.25
N GLN B 217 4.18 9.96 31.44
CA GLN B 217 4.25 8.55 31.77
C GLN B 217 5.07 7.67 30.83
N SER B 218 5.48 8.21 29.66
CA SER B 218 6.21 7.51 28.60
C SER B 218 5.34 6.42 27.93
N LYS B 219 4.01 6.69 27.93
CA LYS B 219 2.99 5.84 27.32
C LYS B 219 2.65 6.37 25.95
N PHE B 220 2.56 5.43 24.99
CA PHE B 220 2.31 5.77 23.61
C PHE B 220 1.18 4.97 23.06
N TYR B 221 0.08 5.68 22.81
CA TYR B 221 -1.17 5.18 22.28
C TYR B 221 -1.28 5.67 20.84
N ILE B 222 -2.22 5.06 20.04
CA ILE B 222 -2.50 5.55 18.67
C ILE B 222 -2.87 7.03 18.77
N ALA B 223 -3.68 7.38 19.81
CA ALA B 223 -4.14 8.72 20.17
C ALA B 223 -3.01 9.73 20.41
N SER B 224 -1.78 9.23 20.74
CA SER B 224 -0.55 10.03 20.94
C SER B 224 -0.07 10.53 19.60
N ASP B 225 -0.22 9.68 18.58
CA ASP B 225 0.12 9.98 17.19
C ASP B 225 -0.92 10.98 16.65
N VAL B 226 -2.20 10.87 17.09
CA VAL B 226 -3.25 11.83 16.73
C VAL B 226 -2.82 13.22 17.26
N TRP B 227 -2.27 13.28 18.50
CA TRP B 227 -1.78 14.53 19.09
C TRP B 227 -0.73 15.22 18.19
N SER B 228 0.30 14.47 17.78
CA SER B 228 1.41 14.88 16.92
C SER B 228 0.93 15.33 15.56
N PHE B 229 -0.14 14.68 15.04
CA PHE B 229 -0.78 15.05 13.79
C PHE B 229 -1.35 16.48 13.89
N GLY B 230 -2.00 16.79 15.02
CA GLY B 230 -2.54 18.12 15.29
C GLY B 230 -1.44 19.17 15.27
N VAL B 231 -0.26 18.83 15.78
CA VAL B 231 0.93 19.69 15.83
C VAL B 231 1.50 19.83 14.40
N THR B 232 1.47 18.73 13.61
CA THR B 232 1.94 18.65 12.23
C THR B 232 1.03 19.51 11.31
N LEU B 233 -0.31 19.40 11.51
CA LEU B 233 -1.35 20.15 10.80
C LEU B 233 -1.13 21.66 11.01
N HIS B 234 -0.80 22.06 12.25
CA HIS B 234 -0.44 23.44 12.61
C HIS B 234 0.79 23.92 11.79
N GLU B 235 1.85 23.08 11.71
CA GLU B 235 3.07 23.36 10.94
C GLU B 235 2.70 23.53 9.49
N LEU B 236 1.88 22.60 8.95
CA LEU B 236 1.39 22.59 7.58
C LEU B 236 0.60 23.86 7.26
N LEU B 237 -0.22 24.33 8.21
CA LEU B 237 -1.01 25.55 8.04
C LEU B 237 -0.19 26.82 8.23
N THR B 238 0.94 26.76 8.96
CA THR B 238 1.84 27.93 9.13
C THR B 238 2.93 27.94 8.05
N TYR B 239 2.85 26.99 7.08
CA TYR B 239 3.80 26.79 5.97
C TYR B 239 5.22 26.53 6.50
N CYS B 240 5.33 25.88 7.67
CA CYS B 240 6.58 25.54 8.36
C CYS B 240 7.47 26.75 8.62
N ASP B 241 6.85 27.88 8.92
CA ASP B 241 7.59 29.07 9.29
C ASP B 241 8.38 28.71 10.55
N SER B 242 9.68 28.98 10.54
CA SER B 242 10.58 28.70 11.68
C SER B 242 10.18 29.47 12.95
N ASP B 243 9.77 30.76 12.81
CA ASP B 243 9.38 31.63 13.94
C ASP B 243 8.09 31.15 14.61
N SER B 244 7.28 30.36 13.88
CA SER B 244 6.00 29.81 14.36
C SER B 244 6.08 28.29 14.59
N SER B 245 7.29 27.72 14.62
CA SER B 245 7.46 26.29 14.85
C SER B 245 6.97 25.91 16.27
N PRO B 246 6.45 24.66 16.46
CA PRO B 246 5.95 24.26 17.78
C PRO B 246 6.92 24.49 18.94
N MET B 247 8.23 24.24 18.72
CA MET B 247 9.27 24.47 19.71
C MET B 247 9.36 25.94 20.05
N ALA B 248 9.49 26.80 19.01
CA ALA B 248 9.60 28.25 19.15
C ALA B 248 8.41 28.87 19.90
N LEU B 249 7.19 28.39 19.63
CA LEU B 249 5.98 28.93 20.25
C LEU B 249 5.84 28.45 21.68
N PHE B 250 6.09 27.14 21.92
CA PHE B 250 6.02 26.59 23.27
C PHE B 250 7.11 27.14 24.17
N LEU B 251 8.34 27.37 23.63
CA LEU B 251 9.45 27.93 24.40
C LEU B 251 9.13 29.38 24.78
N LYS B 252 8.37 30.09 23.92
CA LYS B 252 7.90 31.47 24.14
C LYS B 252 6.83 31.52 25.23
N MET B 253 6.07 30.40 25.39
CA MET B 253 5.00 30.25 26.36
C MET B 253 5.55 29.94 27.74
N ILE B 254 6.57 29.07 27.82
CA ILE B 254 7.13 28.62 29.11
C ILE B 254 8.14 29.59 29.73
N GLY B 255 8.77 30.43 28.88
CA GLY B 255 9.78 31.40 29.28
C GLY B 255 11.17 30.79 29.48
N PRO B 256 12.08 31.48 30.23
CA PRO B 256 13.42 30.91 30.45
C PRO B 256 13.39 29.63 31.24
N THR B 257 14.01 28.57 30.68
CA THR B 257 14.06 27.24 31.28
C THR B 257 15.38 26.56 30.98
N HIS B 258 15.89 25.81 31.99
CA HIS B 258 17.07 24.98 31.81
C HIS B 258 16.57 23.73 31.00
N GLY B 259 17.44 23.02 30.31
CA GLY B 259 17.04 21.85 29.51
C GLY B 259 16.39 20.70 30.27
N GLN B 260 16.74 20.57 31.54
CA GLN B 260 16.20 19.54 32.42
C GLN B 260 14.77 19.86 32.88
N MET B 261 14.39 21.15 32.82
CA MET B 261 13.07 21.61 33.26
C MET B 261 12.07 21.82 32.14
N THR B 262 12.53 21.73 30.88
CA THR B 262 11.77 21.96 29.66
C THR B 262 10.52 21.07 29.59
N VAL B 263 10.66 19.72 29.64
CA VAL B 263 9.56 18.75 29.64
C VAL B 263 8.57 19.04 30.76
N THR B 264 9.05 19.13 32.01
CA THR B 264 8.21 19.40 33.18
C THR B 264 7.41 20.70 33.01
N ARG B 265 8.06 21.77 32.52
CA ARG B 265 7.40 23.05 32.27
C ARG B 265 6.42 22.98 31.12
N LEU B 266 6.78 22.20 30.05
CA LEU B 266 5.92 21.95 28.89
C LEU B 266 4.65 21.26 29.38
N VAL B 267 4.78 20.24 30.26
CA VAL B 267 3.65 19.49 30.86
C VAL B 267 2.67 20.44 31.60
N ASN B 268 3.22 21.36 32.43
CA ASN B 268 2.44 22.35 33.19
C ASN B 268 1.70 23.33 32.30
N THR B 269 2.32 23.77 31.18
CA THR B 269 1.69 24.66 30.19
C THR B 269 0.45 23.94 29.61
N LEU B 270 0.60 22.66 29.23
CA LEU B 270 -0.48 21.83 28.68
C LEU B 270 -1.61 21.55 29.68
N LYS B 271 -1.27 21.31 30.98
CA LYS B 271 -2.23 21.11 32.07
C LYS B 271 -3.11 22.37 32.28
N GLU B 272 -2.55 23.58 32.02
CA GLU B 272 -3.28 24.86 32.16
C GLU B 272 -4.26 25.11 31.00
N GLY B 273 -4.23 24.25 29.99
CA GLY B 273 -5.12 24.32 28.83
C GLY B 273 -4.54 25.04 27.63
N LYS B 274 -3.29 25.51 27.75
CA LYS B 274 -2.57 26.23 26.72
C LYS B 274 -2.18 25.34 25.54
N ARG B 275 -2.50 25.80 24.33
CA ARG B 275 -2.23 25.09 23.09
C ARG B 275 -1.67 26.05 22.02
N LEU B 276 -1.13 25.48 20.91
CA LEU B 276 -0.65 26.28 19.78
C LEU B 276 -1.85 27.06 19.22
N PRO B 277 -1.74 28.38 18.99
CA PRO B 277 -2.91 29.14 18.53
C PRO B 277 -3.35 28.79 17.10
N CYS B 278 -4.58 29.18 16.75
CA CYS B 278 -5.13 28.95 15.42
C CYS B 278 -4.28 29.72 14.39
N PRO B 279 -3.64 29.05 13.40
CA PRO B 279 -2.85 29.81 12.41
C PRO B 279 -3.69 30.87 11.70
N PRO B 280 -3.11 32.05 11.38
CA PRO B 280 -3.91 33.03 10.62
C PRO B 280 -4.37 32.39 9.31
N ASN B 281 -5.59 32.76 8.86
CA ASN B 281 -6.22 32.31 7.62
C ASN B 281 -6.58 30.82 7.61
N CYS B 282 -6.51 30.14 8.81
CA CYS B 282 -6.95 28.76 9.01
C CYS B 282 -8.42 28.86 9.44
N PRO B 283 -9.39 28.32 8.67
CA PRO B 283 -10.80 28.43 9.08
C PRO B 283 -11.10 27.63 10.34
N ASP B 284 -12.09 28.10 11.13
CA ASP B 284 -12.53 27.52 12.41
C ASP B 284 -12.82 26.02 12.28
N GLU B 285 -13.42 25.62 11.15
CA GLU B 285 -13.74 24.22 10.81
C GLU B 285 -12.49 23.32 10.79
N VAL B 286 -11.32 23.88 10.40
CA VAL B 286 -10.05 23.15 10.40
C VAL B 286 -9.40 23.20 11.80
N TYR B 287 -9.53 24.35 12.52
CA TYR B 287 -9.00 24.53 13.87
C TYR B 287 -9.69 23.62 14.90
N GLN B 288 -11.03 23.46 14.78
CA GLN B 288 -11.77 22.56 15.69
C GLN B 288 -11.29 21.12 15.55
N LEU B 289 -10.95 20.70 14.31
CA LEU B 289 -10.39 19.37 14.04
C LEU B 289 -8.98 19.23 14.68
N MET B 290 -8.20 20.33 14.71
CA MET B 290 -6.88 20.41 15.34
C MET B 290 -7.04 20.27 16.85
N ARG B 291 -8.02 20.99 17.41
CA ARG B 291 -8.39 20.98 18.82
C ARG B 291 -8.84 19.59 19.29
N LYS B 292 -9.45 18.79 18.38
CA LYS B 292 -9.91 17.43 18.65
C LYS B 292 -8.73 16.47 18.80
N CYS B 293 -7.53 16.90 18.33
CA CYS B 293 -6.27 16.14 18.41
C CYS B 293 -5.58 16.43 19.74
N TRP B 294 -5.92 17.58 20.37
CA TRP B 294 -5.24 18.08 21.57
C TRP B 294 -6.00 17.97 22.88
N GLU B 295 -6.88 16.95 22.98
CA GLU B 295 -7.57 16.70 24.22
C GLU B 295 -6.52 16.20 25.18
N PHE B 296 -6.57 16.71 26.42
CA PHE B 296 -5.58 16.29 27.41
C PHE B 296 -5.53 14.76 27.55
N GLN B 297 -6.70 14.12 27.85
CA GLN B 297 -6.81 12.66 27.98
C GLN B 297 -6.80 11.98 26.61
N PRO B 298 -6.02 10.87 26.43
CA PRO B 298 -5.97 10.21 25.10
C PRO B 298 -7.30 9.70 24.55
N SER B 299 -8.20 9.26 25.44
CA SER B 299 -9.51 8.70 25.08
C SER B 299 -10.53 9.74 24.59
N ASN B 300 -10.27 11.02 24.85
CA ASN B 300 -11.15 12.12 24.44
C ASN B 300 -10.81 12.69 23.06
N ARG B 301 -9.72 12.19 22.46
CA ARG B 301 -9.26 12.62 21.15
C ARG B 301 -9.99 11.91 20.01
N THR B 302 -10.05 12.60 18.86
CA THR B 302 -10.60 12.09 17.62
C THR B 302 -9.71 10.96 17.06
N SER B 303 -10.24 10.22 16.09
CA SER B 303 -9.52 9.13 15.44
C SER B 303 -8.94 9.63 14.12
N PHE B 304 -8.08 8.84 13.47
CA PHE B 304 -7.56 9.22 12.16
C PHE B 304 -8.67 9.11 11.10
N GLN B 305 -9.62 8.15 11.28
CA GLN B 305 -10.73 7.94 10.37
C GLN B 305 -11.73 9.11 10.44
N ASN B 306 -12.03 9.58 11.68
CA ASN B 306 -12.91 10.73 11.92
C ASN B 306 -12.24 11.99 11.33
N LEU B 307 -10.90 12.10 11.41
CA LEU B 307 -10.15 13.22 10.84
C LEU B 307 -10.24 13.23 9.32
N ILE B 308 -10.10 12.04 8.65
CA ILE B 308 -10.20 11.88 7.19
C ILE B 308 -11.57 12.40 6.74
N GLU B 309 -12.65 11.86 7.36
CA GLU B 309 -14.04 12.26 7.10
C GLU B 309 -14.25 13.75 7.33
N GLY B 310 -13.61 14.30 8.37
CA GLY B 310 -13.65 15.72 8.72
C GLY B 310 -13.06 16.64 7.66
N PHE B 311 -11.87 16.30 7.12
CA PHE B 311 -11.20 17.09 6.08
C PHE B 311 -11.84 16.89 4.72
N GLU B 312 -12.36 15.67 4.44
CA GLU B 312 -13.03 15.35 3.16
C GLU B 312 -14.27 16.22 2.93
N ALA B 313 -15.08 16.46 3.99
CA ALA B 313 -16.28 17.29 3.97
C ALA B 313 -15.96 18.75 3.60
N LEU B 314 -14.69 19.16 3.82
CA LEU B 314 -14.19 20.50 3.53
C LEU B 314 -13.63 20.67 2.10
N LEU B 315 -13.12 19.57 1.49
CA LEU B 315 -12.57 19.58 0.13
C LEU B 315 -13.65 19.77 -0.93
#